data_4MDR
#
_entry.id   4MDR
#
_cell.length_a   46.507
_cell.length_b   56.729
_cell.length_c   60.180
_cell.angle_alpha   90.000
_cell.angle_beta   106.670
_cell.angle_gamma   90.000
#
_symmetry.space_group_name_H-M   'P 1 21 1'
#
loop_
_entity.id
_entity.type
_entity.pdbx_description
1 polymer 'AP-4 complex subunit mu-1'
2 polymer 'Amyloid beta A4 protein'
3 water water
#
loop_
_entity_poly.entity_id
_entity_poly.type
_entity_poly.pdbx_seq_one_letter_code
_entity_poly.pdbx_strand_id
1 'polypeptide(L)'
;GAMDPEFQQSKVAPSSAASRPVLSSRSDQSQKNEVFLAVVERLSVLIASNGSLLKVDVQGEIRLKSFLPSGSEMRIGLTE
EFSVGKSELRGYGPGIRVDEVSFHSSVNLDEFESHRILRLQPPQGELTVMRYQLSDDLPSPLPFRLFPSVQWDRGSGRLQ
VYLKLRCDLLSKSQALNVRLHLPLPRGVVSLSQELSSPEQKAELAEGALRWDLPRVQGGSQLSGLFQMDVPGPPGPPSHG
LSTSASPLGLGPASLSFELPRHTCSGLQVRFLRLAFRPSGNANPHKWVRHLSHSDAYVIRI
;
A
2 'polypeptide(L)' ENPTYKFFEQ B
#
# COMPACT_ATOMS: atom_id res chain seq x y z
N ASN A 33 6.20 23.29 20.63
CA ASN A 33 4.99 22.38 20.81
C ASN A 33 4.98 21.10 19.95
N GLU A 34 4.35 21.08 18.78
CA GLU A 34 4.03 19.78 18.17
C GLU A 34 4.33 19.73 16.70
N VAL A 35 4.95 18.64 16.27
CA VAL A 35 5.19 18.41 14.85
C VAL A 35 4.82 17.02 14.49
N PHE A 36 4.06 16.88 13.42
CA PHE A 36 3.65 15.58 12.97
C PHE A 36 4.21 15.39 11.57
N LEU A 37 4.72 14.21 11.24
CA LEU A 37 5.22 13.97 9.89
C LEU A 37 4.75 12.59 9.54
N ALA A 38 4.28 12.42 8.33
CA ALA A 38 3.88 11.08 7.87
C ALA A 38 4.44 10.79 6.48
N VAL A 39 4.95 9.56 6.29
CA VAL A 39 5.32 9.05 5.01
C VAL A 39 4.14 8.13 4.62
N VAL A 40 3.51 8.44 3.52
CA VAL A 40 2.24 7.73 3.15
C VAL A 40 2.42 7.25 1.73
N GLU A 41 2.26 5.94 1.51
CA GLU A 41 2.46 5.36 0.20
C GLU A 41 1.17 4.69 -0.26
N ARG A 42 0.71 5.01 -1.46
CA ARG A 42 -0.48 4.37 -2.01
C ARG A 42 0.03 3.33 -2.98
N LEU A 43 -0.38 2.09 -2.76
CA LEU A 43 0.10 1.00 -3.56
C LEU A 43 -1.04 0.53 -4.53
N SER A 44 -0.70 0.30 -5.78
CA SER A 44 -1.63 -0.36 -6.75
C SER A 44 -0.89 -1.51 -7.39
N VAL A 45 -1.56 -2.64 -7.57
CA VAL A 45 -0.90 -3.75 -8.23
C VAL A 45 -1.91 -4.46 -9.12
N LEU A 46 -1.33 -5.17 -10.09
CA LEU A 46 -2.10 -6.13 -10.89
C LEU A 46 -1.34 -7.42 -10.88
N ILE A 47 -2.00 -8.47 -10.37
CA ILE A 47 -1.38 -9.77 -10.28
C ILE A 47 -2.17 -10.75 -11.20
N ALA A 48 -1.42 -11.54 -11.98
CA ALA A 48 -1.99 -12.44 -12.98
C ALA A 48 -2.62 -13.64 -12.28
N SER A 49 -3.51 -14.32 -12.97
CA SER A 49 -4.16 -15.46 -12.33
C SER A 49 -3.17 -16.55 -11.85
N ASN A 50 -1.96 -16.63 -12.42
CA ASN A 50 -0.99 -17.64 -11.95
C ASN A 50 -0.11 -17.15 -10.81
N GLY A 51 -0.33 -15.91 -10.37
CA GLY A 51 0.42 -15.41 -9.22
C GLY A 51 1.53 -14.42 -9.56
N SER A 52 1.78 -14.25 -10.87
CA SER A 52 2.95 -13.49 -11.34
C SER A 52 2.56 -12.02 -11.38
N LEU A 53 3.46 -11.14 -10.93
CA LEU A 53 3.11 -9.71 -10.90
C LEU A 53 3.18 -9.07 -12.29
N LEU A 54 2.15 -8.33 -12.67
CA LEU A 54 2.08 -7.71 -13.96
C LEU A 54 2.46 -6.26 -13.78
N LYS A 55 1.85 -5.61 -12.78
CA LYS A 55 2.11 -4.18 -12.57
C LYS A 55 2.19 -3.87 -11.09
N VAL A 56 3.09 -2.92 -10.75
CA VAL A 56 3.18 -2.35 -9.38
C VAL A 56 3.39 -0.85 -9.53
N ASP A 57 2.66 -0.10 -8.75
CA ASP A 57 2.77 1.37 -8.73
C ASP A 57 2.75 1.80 -7.25
N VAL A 58 3.73 2.57 -6.77
CA VAL A 58 3.64 3.20 -5.46
C VAL A 58 3.69 4.73 -5.67
N GLN A 59 2.71 5.44 -5.16
CA GLN A 59 2.79 6.91 -5.09
C GLN A 59 3.03 7.33 -3.67
N GLY A 60 4.16 7.95 -3.38
CA GLY A 60 4.48 8.25 -2.01
C GLY A 60 4.50 9.75 -1.75
N GLU A 61 4.23 10.13 -0.52
CA GLU A 61 4.27 11.56 -0.14
C GLU A 61 4.81 11.64 1.24
N ILE A 62 5.52 12.74 1.53
CA ILE A 62 5.92 13.04 2.88
C ILE A 62 5.12 14.26 3.26
N ARG A 63 4.33 14.17 4.34
CA ARG A 63 3.47 15.28 4.73
C ARG A 63 3.83 15.74 6.13
N LEU A 64 3.88 17.04 6.28
CA LEU A 64 4.28 17.65 7.53
C LEU A 64 3.12 18.49 8.09
N LYS A 65 2.92 18.45 9.40
CA LYS A 65 2.00 19.40 10.03
C LYS A 65 2.69 19.99 11.24
N SER A 66 2.78 21.32 11.27
CA SER A 66 3.48 21.94 12.39
C SER A 66 2.98 23.31 12.71
N PHE A 67 3.22 23.72 13.95
CA PHE A 67 2.91 25.08 14.38
C PHE A 67 4.07 25.73 15.14
N LEU A 68 5.20 25.94 14.50
CA LEU A 68 6.39 26.45 15.19
C LEU A 68 6.51 28.01 15.23
N PRO A 69 7.34 28.56 16.17
CA PRO A 69 7.64 30.00 16.23
C PRO A 69 8.35 30.59 15.00
N SER A 70 8.28 31.91 14.86
CA SER A 70 8.90 32.69 13.77
C SER A 70 10.33 32.26 13.33
N GLY A 71 10.57 32.18 12.01
CA GLY A 71 11.87 31.75 11.44
C GLY A 71 12.38 30.31 11.73
N SER A 72 11.57 29.47 12.38
CA SER A 72 11.96 28.09 12.76
C SER A 72 12.31 27.30 11.51
N GLU A 73 13.40 26.52 11.61
CA GLU A 73 13.92 25.75 10.49
C GLU A 73 13.94 24.27 10.84
N MET A 74 13.38 23.46 9.96
CA MET A 74 13.33 22.04 10.22
C MET A 74 14.22 21.25 9.23
N ARG A 75 14.90 20.22 9.70
CA ARG A 75 15.63 19.30 8.83
C ARG A 75 15.06 17.88 8.90
N ILE A 76 14.84 17.28 7.72
CA ILE A 76 14.33 15.93 7.63
C ILE A 76 15.37 15.03 7.00
N GLY A 77 15.80 14.02 7.73
CA GLY A 77 16.74 13.01 7.21
C GLY A 77 15.99 11.77 6.71
N LEU A 78 16.23 11.37 5.46
CA LEU A 78 15.68 10.15 4.88
C LEU A 78 16.68 9.03 4.94
N THR A 79 16.21 7.79 4.62
CA THR A 79 17.09 6.66 4.39
C THR A 79 18.40 7.04 3.72
N GLU A 80 19.53 6.71 4.35
CA GLU A 80 20.85 7.19 3.84
C GLU A 80 21.20 6.70 2.44
N GLU A 81 20.99 5.42 2.20
CA GLU A 81 21.44 4.81 0.95
C GLU A 81 20.74 5.36 -0.33
N PHE A 82 19.43 5.47 -0.27
CA PHE A 82 18.51 5.34 -1.40
C PHE A 82 18.78 6.09 -2.71
N SER A 83 18.54 5.43 -3.83
CA SER A 83 18.81 6.09 -5.08
C SER A 83 17.52 6.52 -5.77
N VAL A 84 17.69 7.41 -6.72
CA VAL A 84 16.63 7.99 -7.45
C VAL A 84 16.84 7.72 -8.93
N GLY A 85 15.80 7.22 -9.57
CA GLY A 85 15.89 6.88 -11.00
C GLY A 85 16.67 5.62 -11.33
N LYS A 86 16.96 5.50 -12.64
CA LYS A 86 17.67 4.33 -13.19
C LYS A 86 18.93 4.83 -13.90
N SER A 87 20.02 4.78 -13.18
CA SER A 87 21.30 5.21 -13.71
C SER A 87 21.69 4.35 -14.93
N GLU A 88 21.90 5.01 -16.06
CA GLU A 88 22.52 4.34 -17.22
C GLU A 88 23.89 3.76 -16.93
N LEU A 89 24.66 4.41 -16.06
CA LEU A 89 26.03 3.97 -15.77
C LEU A 89 26.11 2.83 -14.73
N ARG A 90 25.38 3.00 -13.64
CA ARG A 90 25.51 2.11 -12.52
C ARG A 90 24.44 1.02 -12.56
N GLY A 91 23.40 1.24 -13.36
CA GLY A 91 22.27 0.30 -13.36
C GLY A 91 21.52 0.42 -12.05
N TYR A 92 20.68 -0.59 -11.78
CA TYR A 92 19.88 -0.54 -10.56
C TYR A 92 19.62 -1.96 -10.11
N GLY A 93 19.63 -2.09 -8.80
CA GLY A 93 19.87 -3.36 -8.11
C GLY A 93 18.95 -3.50 -6.91
N PRO A 94 19.18 -4.53 -6.08
CA PRO A 94 18.42 -4.34 -4.85
C PRO A 94 19.06 -3.19 -4.04
N GLY A 95 18.30 -2.61 -3.12
CA GLY A 95 18.67 -1.39 -2.38
C GLY A 95 17.34 -0.67 -2.30
N ILE A 96 17.22 0.38 -1.47
CA ILE A 96 16.03 1.19 -1.48
C ILE A 96 16.12 2.18 -2.61
N ARG A 97 15.08 2.25 -3.42
CA ARG A 97 15.12 3.15 -4.57
C ARG A 97 13.75 3.65 -4.92
N VAL A 98 13.71 4.82 -5.56
CA VAL A 98 12.48 5.31 -6.16
C VAL A 98 12.80 5.69 -7.61
N ASP A 99 11.77 5.66 -8.46
CA ASP A 99 11.90 5.98 -9.90
C ASP A 99 11.96 7.48 -10.15
N GLU A 100 11.26 8.27 -9.34
CA GLU A 100 11.37 9.73 -9.43
C GLU A 100 10.96 10.42 -8.13
N VAL A 101 11.44 11.64 -7.89
CA VAL A 101 11.10 12.40 -6.70
C VAL A 101 10.80 13.84 -7.11
N SER A 102 10.03 14.57 -6.32
CA SER A 102 9.79 16.00 -6.48
C SER A 102 9.59 16.60 -5.12
N PHE A 103 9.76 17.92 -5.03
CA PHE A 103 9.85 18.55 -3.72
C PHE A 103 9.04 19.76 -3.68
N HIS A 104 8.56 20.15 -2.49
CA HIS A 104 7.81 21.38 -2.38
C HIS A 104 8.77 22.57 -2.69
N SER A 105 8.24 23.60 -3.35
CA SER A 105 9.15 24.73 -3.76
C SER A 105 9.95 25.40 -2.59
N SER A 106 9.48 25.31 -1.35
CA SER A 106 10.19 25.84 -0.20
C SER A 106 11.33 24.97 0.34
N VAL A 107 11.49 23.73 -0.17
CA VAL A 107 12.50 22.86 0.36
C VAL A 107 13.84 23.20 -0.26
N ASN A 108 14.85 23.33 0.59
CA ASN A 108 16.21 23.50 0.16
C ASN A 108 16.92 22.13 0.11
N LEU A 109 17.53 21.84 -1.04
CA LEU A 109 18.18 20.57 -1.32
C LEU A 109 19.71 20.52 -1.26
N ASP A 110 20.32 21.54 -0.64
CA ASP A 110 21.80 21.56 -0.47
C ASP A 110 22.47 20.32 0.14
N GLU A 111 21.76 19.60 1.01
CA GLU A 111 22.31 18.45 1.65
C GLU A 111 21.65 17.16 1.18
N PHE A 112 20.81 17.25 0.17
CA PHE A 112 20.12 16.02 -0.30
C PHE A 112 21.05 15.00 -0.98
N GLU A 113 21.91 15.44 -1.88
CA GLU A 113 22.76 14.47 -2.61
C GLU A 113 23.75 13.73 -1.75
N SER A 114 24.39 14.45 -0.80
CA SER A 114 25.38 13.76 0.01
C SER A 114 24.80 13.06 1.24
N HIS A 115 23.69 13.57 1.73
CA HIS A 115 23.21 13.08 3.04
C HIS A 115 21.72 12.74 3.08
N ARG A 116 21.02 12.85 1.97
CA ARG A 116 19.52 12.75 1.94
C ARG A 116 18.79 13.55 3.03
N ILE A 117 19.25 14.79 3.22
CA ILE A 117 18.59 15.69 4.14
C ILE A 117 17.89 16.77 3.40
N LEU A 118 16.68 17.09 3.89
CA LEU A 118 15.88 18.13 3.34
C LEU A 118 15.78 19.23 4.39
N ARG A 119 15.75 20.46 3.93
CA ARG A 119 15.63 21.60 4.86
C ARG A 119 14.53 22.56 4.44
N LEU A 120 13.79 23.10 5.40
CA LEU A 120 12.73 24.07 5.04
C LEU A 120 12.24 24.86 6.24
N GLN A 121 11.64 26.03 6.00
CA GLN A 121 10.96 26.77 7.05
C GLN A 121 9.46 26.54 6.84
N PRO A 122 8.84 25.68 7.66
CA PRO A 122 7.46 25.26 7.36
C PRO A 122 6.52 26.40 7.63
N PRO A 123 5.35 26.38 6.95
CA PRO A 123 4.26 27.26 7.30
C PRO A 123 3.56 26.72 8.57
N GLN A 124 2.54 27.45 9.08
CA GLN A 124 1.63 26.94 10.12
C GLN A 124 0.60 25.97 9.54
N GLY A 125 0.54 24.75 10.00
CA GLY A 125 -0.44 23.83 9.39
C GLY A 125 0.25 22.79 8.51
N GLU A 126 -0.47 22.32 7.47
CA GLU A 126 -0.07 21.13 6.73
C GLU A 126 0.69 21.51 5.47
N LEU A 127 1.70 20.72 5.13
CA LEU A 127 2.44 20.83 3.87
C LEU A 127 2.83 19.46 3.37
N THR A 128 2.72 19.21 2.05
CA THR A 128 3.39 18.09 1.47
C THR A 128 4.82 18.52 1.05
N VAL A 129 5.79 17.85 1.64
CA VAL A 129 7.22 18.24 1.47
C VAL A 129 7.87 17.57 0.25
N MET A 130 7.49 16.30 0.01
CA MET A 130 8.10 15.53 -1.05
C MET A 130 7.06 14.55 -1.64
N ARG A 131 7.14 14.32 -2.95
CA ARG A 131 6.37 13.24 -3.59
C ARG A 131 7.36 12.35 -4.25
N TYR A 132 7.02 11.09 -4.42
CA TYR A 132 7.87 10.19 -5.17
C TYR A 132 7.03 9.05 -5.78
N GLN A 133 7.61 8.35 -6.75
CA GLN A 133 6.90 7.23 -7.45
C GLN A 133 7.88 6.11 -7.67
N LEU A 134 7.38 4.86 -7.62
CA LEU A 134 8.16 3.69 -7.86
C LEU A 134 7.27 2.76 -8.72
N SER A 135 7.77 2.33 -9.89
CA SER A 135 7.07 1.33 -10.78
C SER A 135 7.73 -0.01 -10.99
N ASP A 136 8.90 -0.25 -10.41
CA ASP A 136 9.71 -1.47 -10.65
C ASP A 136 9.51 -2.35 -9.38
N ASP A 137 10.18 -3.48 -9.20
CA ASP A 137 9.89 -4.32 -8.03
C ASP A 137 9.91 -3.59 -6.68
N LEU A 138 9.31 -4.20 -5.65
CA LEU A 138 9.48 -3.75 -4.28
C LEU A 138 10.69 -4.45 -3.67
N PRO A 139 11.34 -3.85 -2.66
CA PRO A 139 12.46 -4.52 -1.99
C PRO A 139 12.01 -5.58 -0.99
N SER A 140 10.72 -5.80 -0.91
CA SER A 140 10.22 -6.69 0.10
C SER A 140 9.03 -7.39 -0.60
N PRO A 141 8.57 -8.55 -0.04
CA PRO A 141 7.56 -9.25 -0.86
C PRO A 141 6.20 -8.53 -0.84
N LEU A 142 5.37 -8.75 -1.84
CA LEU A 142 4.04 -8.11 -1.85
C LEU A 142 3.27 -8.55 -0.61
N PRO A 143 2.46 -7.65 -0.04
CA PRO A 143 1.86 -8.04 1.24
C PRO A 143 0.83 -9.20 1.17
N PHE A 144 0.20 -9.45 0.04
CA PHE A 144 -0.93 -10.46 -0.05
C PHE A 144 -0.85 -11.33 -1.26
N ARG A 145 -1.07 -12.64 -1.06
CA ARG A 145 -1.22 -13.51 -2.19
C ARG A 145 -2.55 -14.26 -2.05
N LEU A 146 -3.26 -14.44 -3.15
CA LEU A 146 -4.59 -15.11 -3.06
C LEU A 146 -4.48 -16.45 -3.78
N PHE A 147 -5.11 -17.50 -3.23
CA PHE A 147 -5.12 -18.83 -3.89
C PHE A 147 -6.57 -19.24 -4.08
N PRO A 148 -7.12 -18.96 -5.25
CA PRO A 148 -8.57 -19.26 -5.43
C PRO A 148 -8.79 -20.71 -5.95
N SER A 149 -9.89 -21.36 -5.57
CA SER A 149 -10.27 -22.67 -6.14
C SER A 149 -11.72 -22.52 -6.58
N VAL A 150 -11.97 -22.64 -7.89
CA VAL A 150 -13.32 -22.45 -8.39
C VAL A 150 -13.86 -23.73 -9.08
N GLN A 151 -15.02 -24.20 -8.66
CA GLN A 151 -15.65 -25.31 -9.37
C GLN A 151 -17.03 -24.84 -9.75
N TRP A 152 -17.34 -25.07 -11.02
CA TRP A 152 -18.50 -24.54 -11.67
C TRP A 152 -19.27 -25.67 -12.39
N ASP A 153 -20.31 -26.20 -11.72
CA ASP A 153 -21.29 -27.14 -12.30
C ASP A 153 -22.15 -26.42 -13.34
N ARG A 154 -21.85 -26.65 -14.62
CA ARG A 154 -22.43 -25.83 -15.70
C ARG A 154 -23.94 -25.89 -16.08
N GLY A 155 -24.77 -26.87 -15.68
CA GLY A 155 -24.64 -27.88 -14.63
C GLY A 155 -25.95 -27.87 -13.84
N SER A 156 -25.88 -27.99 -12.52
CA SER A 156 -27.00 -27.60 -11.68
C SER A 156 -26.99 -26.08 -11.44
N GLY A 157 -26.02 -25.38 -12.05
CA GLY A 157 -25.77 -23.95 -11.83
C GLY A 157 -25.01 -23.67 -10.53
N ARG A 158 -24.52 -24.71 -9.85
CA ARG A 158 -23.87 -24.52 -8.58
C ARG A 158 -22.40 -24.01 -8.76
N LEU A 159 -22.03 -22.95 -8.03
CA LEU A 159 -20.67 -22.35 -8.12
C LEU A 159 -20.07 -22.36 -6.73
N GLN A 160 -18.92 -23.03 -6.59
CA GLN A 160 -18.23 -23.10 -5.34
C GLN A 160 -16.95 -22.26 -5.45
N VAL A 161 -16.75 -21.32 -4.54
CA VAL A 161 -15.56 -20.45 -4.67
C VAL A 161 -14.86 -20.57 -3.35
N TYR A 162 -13.63 -21.05 -3.38
CA TYR A 162 -12.81 -21.17 -2.21
C TYR A 162 -11.70 -20.11 -2.32
N LEU A 163 -11.52 -19.28 -1.30
CA LEU A 163 -10.47 -18.22 -1.41
C LEU A 163 -9.56 -18.41 -0.20
N LYS A 164 -8.26 -18.63 -0.42
CA LYS A 164 -7.31 -18.54 0.65
C LYS A 164 -6.42 -17.29 0.43
N LEU A 165 -6.38 -16.44 1.43
CA LEU A 165 -5.57 -15.24 1.45
C LEU A 165 -4.39 -15.44 2.40
N ARG A 166 -3.20 -15.25 1.87
CA ARG A 166 -1.97 -15.34 2.67
C ARG A 166 -1.34 -13.96 2.79
N CYS A 167 -1.05 -13.54 4.02
CA CYS A 167 -0.39 -12.29 4.25
C CYS A 167 1.12 -12.58 4.33
N ASP A 168 1.87 -11.92 3.46
CA ASP A 168 3.31 -12.15 3.41
C ASP A 168 4.11 -11.00 4.05
N LEU A 169 3.47 -10.21 4.93
CA LEU A 169 4.17 -9.32 5.85
C LEU A 169 4.88 -10.12 6.99
N LEU A 170 5.77 -9.49 7.74
CA LEU A 170 6.38 -10.15 8.91
C LEU A 170 5.32 -10.40 9.99
N SER A 171 5.56 -11.42 10.83
CA SER A 171 4.56 -11.94 11.79
C SER A 171 4.17 -10.88 12.81
N LYS A 172 5.10 -9.95 13.05
CA LYS A 172 4.95 -8.82 13.95
C LYS A 172 3.97 -7.81 13.39
N SER A 173 3.88 -7.74 12.06
CA SER A 173 3.17 -6.62 11.48
C SER A 173 1.73 -6.95 11.05
N GLN A 174 0.94 -5.91 10.94
CA GLN A 174 -0.51 -6.03 10.89
C GLN A 174 -0.99 -5.37 9.62
N ALA A 175 -2.07 -5.93 9.05
CA ALA A 175 -2.78 -5.24 8.01
C ALA A 175 -4.16 -4.90 8.60
N LEU A 176 -4.63 -3.71 8.40
CA LEU A 176 -5.86 -3.26 9.00
C LEU A 176 -6.90 -3.02 7.96
N ASN A 177 -8.15 -3.21 8.37
CA ASN A 177 -9.29 -2.96 7.46
C ASN A 177 -9.21 -3.67 6.13
N VAL A 178 -8.79 -4.92 6.12
CA VAL A 178 -8.65 -5.62 4.87
C VAL A 178 -10.03 -5.99 4.35
N ARG A 179 -10.31 -5.63 3.10
CA ARG A 179 -11.57 -6.04 2.42
C ARG A 179 -11.23 -6.61 1.05
N LEU A 180 -11.86 -7.72 0.69
CA LEU A 180 -11.70 -8.25 -0.61
C LEU A 180 -13.04 -8.08 -1.34
N HIS A 181 -13.01 -7.56 -2.57
CA HIS A 181 -14.20 -7.34 -3.41
C HIS A 181 -14.07 -8.25 -4.62
N LEU A 182 -15.06 -9.09 -4.87
CA LEU A 182 -14.99 -10.04 -5.94
C LEU A 182 -16.29 -9.97 -6.77
N PRO A 183 -16.23 -9.40 -7.99
CA PRO A 183 -17.40 -9.37 -8.91
C PRO A 183 -17.82 -10.77 -9.24
N LEU A 184 -19.13 -10.98 -9.35
CA LEU A 184 -19.67 -12.30 -9.58
C LEU A 184 -20.56 -12.29 -10.83
N PRO A 185 -20.77 -13.45 -11.51
CA PRO A 185 -21.72 -13.54 -12.69
C PRO A 185 -23.10 -12.93 -12.35
N ARG A 186 -23.77 -12.41 -13.37
CA ARG A 186 -25.06 -11.78 -13.24
C ARG A 186 -26.12 -12.71 -12.54
N GLY A 187 -26.82 -12.15 -11.55
CA GLY A 187 -27.94 -12.83 -10.83
C GLY A 187 -27.54 -13.93 -9.87
N VAL A 188 -26.27 -13.95 -9.41
CA VAL A 188 -25.84 -14.98 -8.47
C VAL A 188 -26.46 -14.80 -7.07
N VAL A 189 -26.85 -15.90 -6.41
CA VAL A 189 -27.32 -15.83 -5.01
C VAL A 189 -26.41 -16.64 -4.10
N SER A 190 -26.33 -16.24 -2.83
CA SER A 190 -25.58 -16.98 -1.85
C SER A 190 -26.37 -18.16 -1.30
N LEU A 191 -25.82 -19.35 -1.39
CA LEU A 191 -26.44 -20.49 -0.74
C LEU A 191 -25.86 -20.59 0.64
N SER A 192 -24.53 -20.62 0.74
CA SER A 192 -23.91 -20.59 2.07
C SER A 192 -22.46 -20.03 2.05
N GLN A 193 -21.91 -19.90 3.24
CA GLN A 193 -20.52 -19.46 3.41
C GLN A 193 -19.95 -20.01 4.72
N GLU A 194 -18.69 -20.42 4.69
CA GLU A 194 -17.98 -20.83 5.88
C GLU A 194 -16.67 -20.03 5.87
N LEU A 195 -16.46 -19.23 6.90
CA LEU A 195 -15.23 -18.39 7.02
C LEU A 195 -14.29 -19.07 8.01
N SER A 196 -12.98 -18.84 7.89
CA SER A 196 -12.04 -19.62 8.69
C SER A 196 -11.97 -19.08 10.10
N SER A 197 -12.59 -17.95 10.38
CA SER A 197 -12.54 -17.43 11.72
C SER A 197 -13.65 -16.47 12.07
N PRO A 198 -14.16 -16.55 13.30
CA PRO A 198 -15.41 -15.90 13.68
C PRO A 198 -15.46 -14.41 13.46
N GLU A 199 -14.31 -13.73 13.49
CA GLU A 199 -14.32 -12.26 13.31
C GLU A 199 -14.48 -11.76 11.82
N GLN A 200 -14.29 -12.65 10.86
CA GLN A 200 -14.48 -12.29 9.44
C GLN A 200 -15.98 -12.00 9.19
N LYS A 201 -16.30 -11.10 8.24
CA LYS A 201 -17.68 -11.00 7.73
C LYS A 201 -17.70 -11.13 6.21
N ALA A 202 -18.81 -11.61 5.65
CA ALA A 202 -18.89 -11.64 4.19
C ALA A 202 -20.32 -11.51 3.76
N GLU A 203 -20.55 -10.76 2.68
CA GLU A 203 -21.87 -10.68 2.10
C GLU A 203 -21.83 -10.45 0.59
N LEU A 204 -22.87 -10.88 -0.13
CA LEU A 204 -23.07 -10.48 -1.49
C LEU A 204 -23.81 -9.16 -1.49
N ALA A 205 -23.38 -8.23 -2.32
CA ALA A 205 -24.03 -6.93 -2.45
C ALA A 205 -23.60 -6.36 -3.78
N GLU A 206 -24.53 -5.76 -4.54
CA GLU A 206 -24.17 -5.02 -5.75
C GLU A 206 -23.53 -5.90 -6.80
N GLY A 207 -23.92 -7.16 -6.83
CA GLY A 207 -23.36 -8.12 -7.79
C GLY A 207 -21.95 -8.61 -7.45
N ALA A 208 -21.52 -8.49 -6.20
CA ALA A 208 -20.13 -8.85 -5.82
C ALA A 208 -20.09 -9.34 -4.38
N LEU A 209 -19.17 -10.28 -4.13
CA LEU A 209 -18.82 -10.66 -2.79
C LEU A 209 -17.97 -9.55 -2.15
N ARG A 210 -18.30 -9.20 -0.91
CA ARG A 210 -17.47 -8.38 -0.06
C ARG A 210 -17.10 -9.17 1.14
N TRP A 211 -15.80 -9.47 1.29
CA TRP A 211 -15.27 -10.22 2.41
C TRP A 211 -14.38 -9.28 3.29
N ASP A 212 -14.75 -9.09 4.56
CA ASP A 212 -13.99 -8.23 5.50
C ASP A 212 -13.18 -9.09 6.47
N LEU A 213 -11.89 -8.75 6.63
CA LEU A 213 -11.02 -9.55 7.46
C LEU A 213 -10.30 -8.67 8.43
N PRO A 214 -10.95 -8.36 9.57
CA PRO A 214 -10.37 -7.25 10.29
C PRO A 214 -9.11 -7.67 11.05
N ARG A 215 -8.86 -8.99 11.19
CA ARG A 215 -7.64 -9.44 11.90
C ARG A 215 -6.62 -10.10 11.00
N VAL A 216 -5.61 -9.35 10.57
CA VAL A 216 -4.63 -9.92 9.63
C VAL A 216 -3.21 -9.55 10.03
N GLN A 217 -2.35 -10.54 10.24
CA GLN A 217 -0.95 -10.29 10.65
C GLN A 217 -0.09 -10.99 9.61
N GLY A 218 1.16 -10.60 9.50
CA GLY A 218 2.11 -11.28 8.65
C GLY A 218 2.11 -12.77 8.97
N GLY A 219 2.22 -13.59 7.94
CA GLY A 219 2.09 -15.04 8.08
C GLY A 219 0.66 -15.61 8.18
N SER A 220 -0.38 -14.80 8.47
CA SER A 220 -1.79 -15.30 8.48
C SER A 220 -2.21 -15.94 7.18
N GLN A 221 -3.05 -16.98 7.30
CA GLN A 221 -3.72 -17.58 6.14
C GLN A 221 -5.19 -17.68 6.55
N LEU A 222 -6.03 -16.95 5.84
CA LEU A 222 -7.45 -16.80 6.14
C LEU A 222 -8.17 -17.31 4.94
N SER A 223 -9.33 -17.97 5.16
CA SER A 223 -9.98 -18.59 4.02
C SER A 223 -11.49 -18.56 4.16
N GLY A 224 -12.16 -18.67 3.01
CA GLY A 224 -13.62 -18.49 2.93
C GLY A 224 -14.08 -19.44 1.88
N LEU A 225 -15.17 -20.18 2.15
CA LEU A 225 -15.75 -21.09 1.12
C LEU A 225 -17.15 -20.60 0.83
N PHE A 226 -17.40 -20.26 -0.41
CA PHE A 226 -18.66 -19.64 -0.79
C PHE A 226 -19.41 -20.51 -1.78
N GLN A 227 -20.63 -20.91 -1.41
CA GLN A 227 -21.49 -21.70 -2.29
C GLN A 227 -22.55 -20.77 -2.82
N MET A 228 -22.60 -20.67 -4.15
CA MET A 228 -23.52 -19.78 -4.81
C MET A 228 -24.27 -20.50 -5.94
N ASP A 229 -25.37 -19.90 -6.41
CA ASP A 229 -26.14 -20.43 -7.53
C ASP A 229 -26.09 -19.43 -8.65
N VAL A 230 -25.78 -19.90 -9.86
CA VAL A 230 -25.67 -19.01 -11.02
C VAL A 230 -26.80 -19.34 -12.00
N PRO A 231 -27.73 -18.41 -12.26
CA PRO A 231 -28.95 -18.79 -13.02
C PRO A 231 -28.72 -18.95 -14.53
N LEU A 248 -16.35 -15.35 -15.17
CA LEU A 248 -17.36 -15.64 -16.18
C LEU A 248 -18.50 -14.61 -16.40
N GLY A 249 -18.52 -13.39 -15.81
CA GLY A 249 -17.40 -12.68 -15.16
C GLY A 249 -17.24 -12.77 -13.65
N LEU A 250 -16.50 -13.80 -13.26
CA LEU A 250 -15.94 -13.95 -11.95
C LEU A 250 -14.59 -13.21 -11.90
N GLY A 251 -14.49 -12.23 -11.00
CA GLY A 251 -13.21 -11.55 -10.80
C GLY A 251 -13.09 -10.32 -11.69
N PRO A 252 -11.94 -9.63 -11.58
CA PRO A 252 -10.82 -10.00 -10.70
C PRO A 252 -11.12 -9.60 -9.27
N ALA A 253 -10.39 -10.15 -8.32
CA ALA A 253 -10.56 -9.76 -6.91
C ALA A 253 -9.86 -8.40 -6.76
N SER A 254 -10.41 -7.49 -5.96
CA SER A 254 -9.71 -6.24 -5.66
C SER A 254 -9.67 -6.11 -4.14
N LEU A 255 -8.46 -6.02 -3.58
CA LEU A 255 -8.28 -5.87 -2.14
C LEU A 255 -8.06 -4.43 -1.80
N SER A 256 -8.52 -4.03 -0.61
CA SER A 256 -8.22 -2.73 -0.07
C SER A 256 -7.79 -2.92 1.41
N PHE A 257 -6.86 -2.11 1.92
CA PHE A 257 -6.23 -2.34 3.23
C PHE A 257 -5.33 -1.18 3.58
N GLU A 258 -4.97 -1.08 4.86
CA GLU A 258 -3.93 -0.17 5.30
C GLU A 258 -2.84 -0.99 5.99
N LEU A 259 -1.60 -0.57 5.86
CA LEU A 259 -0.48 -1.25 6.47
C LEU A 259 0.25 -0.27 7.40
N PRO A 260 -0.06 -0.30 8.71
CA PRO A 260 0.61 0.67 9.59
C PRO A 260 2.05 0.28 9.85
N ARG A 261 2.87 1.30 10.15
CA ARG A 261 4.30 1.12 10.40
C ARG A 261 5.03 0.44 9.24
N HIS A 262 4.72 0.86 8.01
CA HIS A 262 5.25 0.18 6.88
C HIS A 262 5.37 1.15 5.68
N THR A 263 6.40 1.00 4.87
CA THR A 263 6.36 1.59 3.54
C THR A 263 6.64 0.50 2.56
N CYS A 264 5.90 0.52 1.45
CA CYS A 264 6.18 -0.42 0.32
C CYS A 264 7.55 -0.18 -0.30
N SER A 265 7.96 1.09 -0.46
CA SER A 265 9.27 1.39 -1.10
C SER A 265 10.50 1.06 -0.24
N GLY A 266 10.31 0.91 1.06
CA GLY A 266 11.40 0.76 2.04
C GLY A 266 11.90 2.12 2.55
N LEU A 267 11.45 3.19 1.93
CA LEU A 267 11.88 4.53 2.39
C LEU A 267 11.38 4.83 3.77
N GLN A 268 12.22 5.54 4.57
CA GLN A 268 11.84 5.94 5.94
C GLN A 268 12.41 7.34 6.21
N VAL A 269 11.74 8.05 7.10
CA VAL A 269 12.31 9.23 7.66
C VAL A 269 13.16 8.70 8.79
N ARG A 270 14.46 9.06 8.80
CA ARG A 270 15.39 8.69 9.88
C ARG A 270 15.39 9.70 11.02
N PHE A 271 15.27 10.99 10.72
CA PHE A 271 15.22 11.98 11.77
C PHE A 271 14.42 13.20 11.37
N LEU A 272 13.96 13.90 12.39
CA LEU A 272 13.27 15.14 12.22
C LEU A 272 13.83 16.12 13.30
N ARG A 273 14.42 17.24 12.92
CA ARG A 273 15.05 18.11 13.91
C ARG A 273 14.90 19.60 13.59
N LEU A 274 14.71 20.44 14.63
CA LEU A 274 14.84 21.92 14.53
C LEU A 274 16.32 22.35 14.32
N ALA A 275 16.55 23.54 13.74
CA ALA A 275 17.91 24.08 13.68
C ALA A 275 18.00 25.31 14.58
N PRO A 284 10.19 20.54 20.87
CA PRO A 284 8.82 20.19 20.50
C PRO A 284 8.60 18.68 20.53
N HIS A 285 7.37 18.25 20.77
CA HIS A 285 7.09 16.81 20.76
C HIS A 285 6.88 16.41 19.28
N LYS A 286 7.30 15.20 18.92
CA LYS A 286 7.31 14.74 17.53
C LYS A 286 6.54 13.45 17.34
N TRP A 287 5.70 13.42 16.31
CA TRP A 287 5.06 12.17 15.90
C TRP A 287 5.40 11.83 14.47
N VAL A 288 6.01 10.67 14.26
CA VAL A 288 6.40 10.29 12.93
C VAL A 288 5.71 8.99 12.60
N ARG A 289 5.01 8.93 11.46
CA ARG A 289 4.29 7.71 11.06
C ARG A 289 4.72 7.33 9.67
N HIS A 290 4.72 6.04 9.39
CA HIS A 290 4.93 5.47 8.07
C HIS A 290 3.71 4.57 7.77
N LEU A 291 3.01 4.84 6.68
CA LEU A 291 1.77 4.05 6.37
C LEU A 291 1.71 3.73 4.87
N SER A 292 1.28 2.50 4.49
CA SER A 292 0.99 2.21 3.14
C SER A 292 -0.48 1.84 3.07
N HIS A 293 -1.11 2.08 1.95
CA HIS A 293 -2.55 1.76 1.79
C HIS A 293 -2.83 1.41 0.32
N SER A 294 -3.95 0.74 0.07
CA SER A 294 -4.26 0.38 -1.27
C SER A 294 -5.79 0.38 -1.33
N ASP A 295 -6.32 0.88 -2.43
CA ASP A 295 -7.70 0.53 -2.75
C ASP A 295 -7.74 -0.16 -4.10
N ALA A 296 -6.58 -0.57 -4.61
CA ALA A 296 -6.47 -1.08 -5.98
C ALA A 296 -5.43 -2.17 -6.10
N TYR A 297 -5.59 -3.23 -5.30
CA TYR A 297 -4.68 -4.32 -5.34
C TYR A 297 -5.46 -5.46 -6.04
N VAL A 298 -5.19 -5.61 -7.33
CA VAL A 298 -6.07 -6.36 -8.20
C VAL A 298 -5.44 -7.73 -8.46
N ILE A 299 -6.20 -8.80 -8.29
CA ILE A 299 -5.69 -10.15 -8.46
C ILE A 299 -6.68 -10.89 -9.40
N ARG A 300 -6.19 -11.33 -10.55
CA ARG A 300 -7.08 -12.01 -11.48
C ARG A 300 -7.28 -13.41 -10.92
N ILE A 301 -8.43 -13.99 -11.23
CA ILE A 301 -8.77 -15.35 -10.78
C ILE A 301 -9.05 -16.19 -12.03
N THR B 4 17.77 20.62 -12.06
CA THR B 4 18.15 19.18 -11.81
C THR B 4 17.05 18.43 -10.99
N TYR B 5 16.27 19.16 -10.21
CA TYR B 5 15.20 18.58 -9.37
C TYR B 5 13.84 19.12 -9.75
N LYS B 6 12.78 18.33 -9.61
CA LYS B 6 11.46 18.85 -9.92
C LYS B 6 10.79 19.37 -8.66
N PHE B 7 10.12 20.51 -8.81
CA PHE B 7 9.40 21.15 -7.74
C PHE B 7 7.92 21.30 -7.99
N PHE B 8 7.15 21.36 -6.92
CA PHE B 8 5.71 21.61 -7.04
C PHE B 8 5.33 22.69 -6.04
N GLU B 9 4.21 23.36 -6.30
CA GLU B 9 3.72 24.41 -5.44
C GLU B 9 2.74 23.90 -4.37
N GLN B 10 2.04 22.82 -4.67
CA GLN B 10 1.27 22.14 -3.61
C GLN B 10 1.18 20.62 -3.91
#